data_2ZF8
#
_entry.id   2ZF8
#
_cell.length_a   104.081
_cell.length_b   104.081
_cell.length_c   133.103
_cell.angle_alpha   90.00
_cell.angle_beta   90.00
_cell.angle_gamma   120.00
#
_symmetry.space_group_name_H-M   'P 65 2 2'
#
loop_
_entity.id
_entity.type
_entity.pdbx_description
1 polymer 'Component of sodium-driven polar flagellar motor'
2 water water
#
_entity_poly.entity_id   1
_entity_poly.type   'polypeptide(L)'
_entity_poly.pdbx_seq_one_letter_code
;VMGKRYVATPQQSQWEMVVNTPLECQLVHPIPSFGDAVFSSRANKKINLDFELKMRRPMGETRNVSLISMPPPWRPGEHA
DRITNLKFFKQFDGYVGGQTAWGILSELEKGRYPTFSYQDWQSRDQRIEVALSSVLFQNKYNAFSDCISNLLKYSFEDIA
FTILHYERQGDQLTKASKKRLSQIADYIRHNQDIDLVLVATYTDSTDGKSASQSLSERRAESLRDYFQSLGLPEDRIQVQ
GYGKRRPIADNGSPIGKDKNRRVVISLGRTQVHHHHHH
;
_entity_poly.pdbx_strand_id   A
#
# COMPACT_ATOMS: atom_id res chain seq x y z
N VAL A 1 -4.32 36.03 6.10
CA VAL A 1 -5.70 35.70 6.53
C VAL A 1 -6.25 34.53 5.75
N MET A 2 -7.01 33.67 6.42
CA MET A 2 -7.57 32.49 5.78
C MET A 2 -9.03 32.67 5.36
N GLY A 3 -9.35 32.23 4.16
CA GLY A 3 -10.71 32.33 3.66
C GLY A 3 -11.42 31.01 3.86
N LYS A 4 -10.87 29.94 3.29
CA LYS A 4 -11.44 28.62 3.43
C LYS A 4 -10.48 27.65 4.08
N ARG A 5 -10.98 26.84 5.02
CA ARG A 5 -10.18 25.81 5.66
C ARG A 5 -11.00 24.52 5.81
N TYR A 6 -10.65 23.49 5.06
CA TYR A 6 -11.33 22.18 5.15
C TYR A 6 -10.63 21.40 6.24
N VAL A 7 -11.38 20.99 7.25
CA VAL A 7 -10.78 20.37 8.42
C VAL A 7 -11.79 19.59 9.21
N ALA A 8 -11.51 18.37 9.63
CA ALA A 8 -12.72 18.00 10.28
C ALA A 8 -12.98 18.11 11.72
N THR A 9 -14.11 18.81 11.65
CA THR A 9 -14.94 19.18 12.72
C THR A 9 -14.46 18.17 13.71
N PRO A 10 -14.09 18.72 14.86
CA PRO A 10 -13.49 17.97 15.94
C PRO A 10 -13.93 16.71 16.52
N GLN A 11 -15.23 16.63 16.43
CA GLN A 11 -15.88 15.42 16.66
C GLN A 11 -15.50 14.63 15.40
N GLN A 12 -16.30 14.93 14.39
CA GLN A 12 -16.40 14.12 13.20
C GLN A 12 -15.31 13.53 12.39
N SER A 13 -14.12 13.60 12.95
CA SER A 13 -12.98 13.04 12.29
C SER A 13 -12.96 11.52 12.47
N GLN A 14 -13.35 10.82 11.43
CA GLN A 14 -13.31 9.37 11.44
C GLN A 14 -12.05 8.87 10.73
N TRP A 15 -11.31 7.98 11.40
CA TRP A 15 -10.14 7.37 10.78
C TRP A 15 -10.43 5.87 10.66
N GLU A 16 -10.35 5.36 9.43
CA GLU A 16 -10.64 3.96 9.18
C GLU A 16 -9.54 3.21 8.44
N MET A 17 -9.36 1.94 8.78
CA MET A 17 -8.42 1.09 8.07
C MET A 17 -9.29 0.43 6.98
N VAL A 18 -9.20 0.94 5.76
CA VAL A 18 -9.96 0.41 4.65
C VAL A 18 -9.35 -0.90 4.15
N VAL A 19 -8.08 -1.12 4.46
CA VAL A 19 -7.38 -2.32 4.01
C VAL A 19 -6.39 -2.86 5.04
N ASN A 20 -6.59 -4.12 5.45
CA ASN A 20 -5.68 -4.77 6.38
C ASN A 20 -5.30 -6.12 5.80
N THR A 21 -4.15 -6.17 5.15
CA THR A 21 -3.70 -7.41 4.50
C THR A 21 -2.20 -7.59 4.56
N PRO A 22 -1.74 -8.82 4.34
CA PRO A 22 -0.30 -9.12 4.36
C PRO A 22 0.28 -8.51 3.09
N LEU A 23 -0.49 -7.64 2.46
CA LEU A 23 -0.13 -7.08 1.17
C LEU A 23 -0.14 -5.56 1.04
N GLU A 24 -1.08 -4.94 1.71
CA GLU A 24 -1.24 -3.51 1.64
C GLU A 24 -1.99 -3.01 2.87
N CYS A 25 -1.48 -1.92 3.49
CA CYS A 25 -2.21 -1.37 4.60
C CYS A 25 -2.67 -0.01 4.13
N GLN A 26 -3.96 0.27 4.20
CA GLN A 26 -4.45 1.59 3.77
C GLN A 26 -5.29 2.22 4.88
N LEU A 27 -4.85 3.38 5.36
CA LEU A 27 -5.55 4.12 6.42
C LEU A 27 -6.17 5.37 5.83
N VAL A 28 -7.47 5.54 6.02
CA VAL A 28 -8.18 6.69 5.48
C VAL A 28 -8.79 7.65 6.51
N HIS A 29 -8.89 8.91 6.10
CA HIS A 29 -9.46 9.99 6.91
C HIS A 29 -10.20 10.88 5.93
N PRO A 30 -11.54 10.85 5.96
CA PRO A 30 -12.22 11.72 5.01
C PRO A 30 -12.05 13.17 5.46
N ILE A 31 -11.83 14.06 4.50
CA ILE A 31 -11.72 15.46 4.87
C ILE A 31 -13.19 15.91 4.79
N PRO A 32 -13.70 16.52 5.87
CA PRO A 32 -15.10 16.98 5.94
C PRO A 32 -15.79 17.52 4.71
N SER A 33 -15.10 18.19 3.81
CA SER A 33 -15.80 18.67 2.63
C SER A 33 -14.94 18.65 1.40
N PHE A 34 -13.65 18.39 1.62
CA PHE A 34 -12.63 18.37 0.58
C PHE A 34 -12.49 17.01 -0.11
N GLY A 35 -12.26 15.97 0.68
CA GLY A 35 -12.11 14.64 0.13
C GLY A 35 -11.56 13.70 1.17
N ASP A 36 -10.59 12.86 0.81
CA ASP A 36 -9.96 11.91 1.76
C ASP A 36 -8.42 12.04 1.82
N ALA A 37 -7.86 11.71 2.96
CA ALA A 37 -6.42 11.71 3.15
C ALA A 37 -6.11 10.22 3.33
N VAL A 38 -5.57 9.62 2.27
CA VAL A 38 -5.24 8.19 2.26
C VAL A 38 -3.76 7.86 2.48
N PHE A 39 -3.51 6.90 3.37
CA PHE A 39 -2.16 6.43 3.68
C PHE A 39 -2.05 4.95 3.27
N SER A 40 -1.05 4.65 2.43
CA SER A 40 -0.85 3.27 1.97
C SER A 40 0.57 2.74 2.12
N SER A 41 0.66 1.43 2.34
CA SER A 41 1.93 0.74 2.49
C SER A 41 1.69 -0.67 1.94
N ARG A 42 2.62 -1.20 1.14
CA ARG A 42 2.41 -2.52 0.55
C ARG A 42 3.55 -3.50 0.77
N ALA A 43 3.24 -4.79 0.68
CA ALA A 43 4.25 -5.82 0.85
C ALA A 43 5.41 -5.55 -0.10
N ASN A 44 6.62 -5.48 0.44
CA ASN A 44 7.79 -5.20 -0.35
C ASN A 44 9.05 -5.46 0.48
N LYS A 45 10.21 -5.46 -0.17
CA LYS A 45 11.45 -5.68 0.53
C LYS A 45 11.74 -4.51 1.46
N LYS A 46 11.64 -3.31 0.92
CA LYS A 46 11.93 -2.12 1.71
C LYS A 46 10.64 -1.51 2.25
N ILE A 47 10.73 -0.93 3.45
CA ILE A 47 9.57 -0.30 4.07
C ILE A 47 9.12 0.84 3.16
N ASN A 48 7.82 1.09 3.11
CA ASN A 48 7.29 2.16 2.28
C ASN A 48 6.02 2.74 2.85
N LEU A 49 5.70 3.95 2.40
CA LEU A 49 4.47 4.63 2.82
C LEU A 49 4.26 5.90 1.99
N ASP A 50 3.22 5.92 1.16
CA ASP A 50 2.94 7.12 0.39
C ASP A 50 1.60 7.70 0.85
N PHE A 51 1.51 9.02 0.81
CA PHE A 51 0.31 9.73 1.22
C PHE A 51 -0.34 10.29 -0.02
N GLU A 52 -1.65 10.30 -0.04
CA GLU A 52 -2.34 10.82 -1.19
C GLU A 52 -3.56 11.66 -0.81
N LEU A 53 -3.52 12.93 -1.18
CA LEU A 53 -4.64 13.81 -0.91
C LEU A 53 -5.64 13.57 -2.04
N LYS A 54 -6.63 12.70 -1.79
CA LYS A 54 -7.64 12.37 -2.80
C LYS A 54 -8.74 13.42 -2.90
N MET A 55 -8.53 14.39 -3.77
CA MET A 55 -9.47 15.47 -3.99
C MET A 55 -10.77 14.94 -4.59
N ARG A 56 -11.87 15.48 -4.09
CA ARG A 56 -13.21 15.06 -4.49
C ARG A 56 -13.87 16.01 -5.45
N ARG A 57 -13.50 17.26 -5.32
CA ARG A 57 -13.95 18.28 -6.25
C ARG A 57 -12.56 18.82 -6.56
N PRO A 58 -12.25 18.98 -7.84
CA PRO A 58 -10.95 19.47 -8.27
C PRO A 58 -10.66 20.96 -8.32
N MET A 59 -9.36 21.21 -8.43
CA MET A 59 -8.68 22.50 -8.64
C MET A 59 -7.67 21.68 -9.47
N GLY A 60 -6.74 22.29 -10.22
CA GLY A 60 -5.86 21.42 -10.99
C GLY A 60 -4.41 21.77 -11.26
N GLU A 61 -3.93 22.83 -10.63
CA GLU A 61 -2.55 23.24 -10.79
C GLU A 61 -2.35 24.06 -9.53
N THR A 62 -1.72 23.41 -8.57
CA THR A 62 -1.47 23.95 -7.27
C THR A 62 0.00 24.21 -7.05
N ARG A 63 0.37 25.48 -7.06
CA ARG A 63 1.76 25.88 -6.89
C ARG A 63 2.03 26.50 -5.54
N ASN A 64 3.27 26.39 -5.09
CA ASN A 64 3.67 26.96 -3.82
C ASN A 64 2.77 26.49 -2.69
N VAL A 65 2.83 25.21 -2.38
CA VAL A 65 2.03 24.62 -1.33
C VAL A 65 2.94 24.34 -0.15
N SER A 66 2.46 24.65 1.05
CA SER A 66 3.27 24.44 2.26
C SER A 66 2.65 23.39 3.17
N LEU A 67 3.44 22.80 4.08
CA LEU A 67 2.94 21.79 5.02
C LEU A 67 3.31 22.16 6.47
N ILE A 68 2.34 22.14 7.40
CA ILE A 68 2.58 22.50 8.82
C ILE A 68 1.63 21.81 9.85
N SER A 69 1.70 22.17 11.17
CA SER A 69 0.89 21.58 12.31
C SER A 69 0.20 22.57 13.37
N MET A 70 -0.94 22.20 14.06
CA MET A 70 -1.68 23.10 15.07
C MET A 70 -3.15 22.80 15.66
N PRO A 71 -3.42 22.05 16.80
CA PRO A 71 -4.87 21.86 17.18
C PRO A 71 -5.98 22.92 17.39
N PRO A 72 -6.71 23.28 16.29
CA PRO A 72 -7.81 24.22 16.08
C PRO A 72 -9.19 23.95 16.68
N PRO A 73 -9.46 22.73 17.19
CA PRO A 73 -10.82 22.63 17.73
C PRO A 73 -11.00 23.67 18.84
N TRP A 74 -9.87 24.07 19.46
CA TRP A 74 -9.89 25.06 20.55
C TRP A 74 -10.16 26.53 20.17
N ARG A 75 -10.26 27.36 21.21
CA ARG A 75 -10.64 28.79 21.19
C ARG A 75 -9.61 29.86 20.82
N PRO A 76 -9.85 31.14 21.23
CA PRO A 76 -8.89 32.20 20.90
C PRO A 76 -7.45 31.90 21.30
N GLY A 77 -6.62 31.75 20.28
CA GLY A 77 -5.23 31.46 20.48
C GLY A 77 -4.57 31.84 19.18
N GLU A 78 -3.25 31.69 19.14
CA GLU A 78 -2.46 32.03 17.96
C GLU A 78 -2.06 30.78 17.16
N HIS A 79 -1.69 30.98 15.91
CA HIS A 79 -1.25 29.88 15.07
C HIS A 79 0.28 29.84 15.25
N ALA A 80 0.84 31.04 15.42
CA ALA A 80 2.26 31.26 15.58
C ALA A 80 2.80 30.36 16.67
N ASP A 81 2.09 30.30 17.78
CA ASP A 81 2.44 29.49 18.94
C ASP A 81 3.63 28.59 18.60
N ARG A 82 3.31 27.43 18.04
CA ARG A 82 4.31 26.46 17.63
C ARG A 82 3.80 25.80 16.35
N ILE A 83 4.10 26.44 15.22
CA ILE A 83 3.71 25.96 13.90
C ILE A 83 4.94 25.35 13.21
N THR A 84 5.10 24.04 13.36
CA THR A 84 6.24 23.34 12.76
C THR A 84 6.09 23.30 11.25
N ASN A 85 7.14 23.64 10.53
CA ASN A 85 7.10 23.59 9.08
C ASN A 85 7.57 22.21 8.66
N LEU A 86 6.78 21.57 7.81
CA LEU A 86 7.11 20.24 7.34
C LEU A 86 7.82 20.21 5.98
N LYS A 87 7.29 20.95 5.01
CA LYS A 87 7.88 20.98 3.68
C LYS A 87 7.19 21.96 2.72
N PHE A 88 7.92 22.36 1.69
CA PHE A 88 7.35 23.25 0.69
C PHE A 88 7.32 22.52 -0.66
N PHE A 89 6.28 22.77 -1.44
CA PHE A 89 6.15 22.14 -2.75
C PHE A 89 5.95 23.22 -3.81
N LYS A 90 6.96 23.43 -4.67
CA LYS A 90 6.80 24.42 -5.73
C LYS A 90 5.55 24.03 -6.49
N GLN A 91 5.41 22.71 -6.71
CA GLN A 91 4.25 22.15 -7.41
C GLN A 91 3.72 20.99 -6.59
N PHE A 92 2.44 21.03 -6.24
CA PHE A 92 1.84 19.95 -5.46
C PHE A 92 0.73 19.38 -6.28
N ASP A 93 0.63 18.07 -6.36
CA ASP A 93 -0.42 17.45 -7.16
C ASP A 93 -1.24 16.49 -6.33
N GLY A 94 -1.21 16.66 -5.02
CA GLY A 94 -1.96 15.82 -4.11
C GLY A 94 -1.21 14.61 -3.59
N TYR A 95 0.02 14.42 -4.04
CA TYR A 95 0.79 13.27 -3.60
C TYR A 95 2.01 13.55 -2.72
N VAL A 96 2.39 12.57 -1.90
CA VAL A 96 3.57 12.63 -1.04
C VAL A 96 4.04 11.21 -0.75
N GLY A 97 5.35 11.02 -0.63
CA GLY A 97 5.87 9.70 -0.35
C GLY A 97 7.25 9.79 0.25
N GLY A 98 7.57 8.88 1.16
CA GLY A 98 8.89 8.92 1.76
C GLY A 98 8.87 9.43 3.19
N GLN A 99 9.92 10.16 3.56
CA GLN A 99 10.04 10.73 4.90
C GLN A 99 8.99 11.79 5.15
N THR A 100 8.60 12.47 4.08
CA THR A 100 7.59 13.50 4.17
C THR A 100 6.30 12.89 4.66
N ALA A 101 5.89 11.80 4.02
CA ALA A 101 4.69 11.07 4.38
C ALA A 101 4.78 10.56 5.82
N TRP A 102 5.94 10.02 6.18
CA TRP A 102 6.14 9.54 7.54
C TRP A 102 6.03 10.71 8.52
N GLY A 103 6.26 11.91 8.01
CA GLY A 103 6.16 13.09 8.84
C GLY A 103 4.70 13.22 9.22
N ILE A 104 3.88 13.59 8.24
CA ILE A 104 2.44 13.76 8.45
C ILE A 104 1.94 12.79 9.51
N LEU A 105 2.56 11.61 9.57
CA LEU A 105 2.17 10.62 10.55
C LEU A 105 2.72 11.04 11.90
N SER A 106 4.05 11.11 11.98
CA SER A 106 4.77 11.50 13.17
C SER A 106 4.09 12.69 13.85
N GLU A 107 3.55 13.61 13.06
CA GLU A 107 2.86 14.79 13.57
C GLU A 107 1.55 14.39 14.21
N LEU A 108 0.60 14.00 13.37
CA LEU A 108 -0.72 13.55 13.79
C LEU A 108 -0.73 12.85 15.15
N GLU A 109 0.19 11.92 15.39
CA GLU A 109 0.19 11.24 16.67
C GLU A 109 0.50 12.22 17.79
N LYS A 110 1.46 13.12 17.53
CA LYS A 110 1.87 14.16 18.48
C LYS A 110 0.67 14.98 18.91
N GLY A 111 -0.42 14.84 18.17
CA GLY A 111 -1.64 15.56 18.49
C GLY A 111 -1.85 16.71 17.52
N ARG A 112 -0.78 17.06 16.82
CA ARG A 112 -0.81 18.16 15.85
C ARG A 112 -1.69 17.89 14.63
N TYR A 113 -2.09 18.96 13.95
CA TYR A 113 -2.91 18.86 12.75
C TYR A 113 -2.13 19.19 11.47
N PRO A 114 -1.65 18.19 10.72
CA PRO A 114 -0.94 18.56 9.49
C PRO A 114 -1.92 19.35 8.63
N THR A 115 -1.45 20.39 7.96
CA THR A 115 -2.33 21.19 7.11
C THR A 115 -1.61 21.72 5.86
N PHE A 116 -2.27 21.63 4.72
CA PHE A 116 -1.72 22.08 3.45
C PHE A 116 -2.17 23.49 3.08
N SER A 117 -1.22 24.42 3.00
CA SER A 117 -1.54 25.80 2.66
C SER A 117 -1.50 26.08 1.15
N TYR A 118 -2.64 26.55 0.64
CA TYR A 118 -2.84 26.85 -0.78
C TYR A 118 -3.18 28.32 -1.04
N GLN A 119 -2.69 28.84 -2.16
CA GLN A 119 -3.09 30.16 -2.59
C GLN A 119 -3.48 29.87 -4.02
N ASP A 120 -4.61 29.21 -4.23
CA ASP A 120 -5.01 28.92 -5.59
C ASP A 120 -5.98 29.94 -6.14
N TRP A 121 -7.26 29.82 -5.77
CA TRP A 121 -8.25 30.74 -6.30
C TRP A 121 -7.99 32.21 -6.11
N GLN A 122 -8.69 32.98 -6.94
CA GLN A 122 -8.55 34.42 -6.97
C GLN A 122 -7.03 34.52 -7.02
N SER A 123 -6.46 35.68 -6.77
CA SER A 123 -5.01 35.75 -6.81
C SER A 123 -4.56 35.98 -5.40
N ARG A 124 -4.58 37.24 -5.03
CA ARG A 124 -4.18 37.67 -3.71
C ARG A 124 -5.39 37.50 -2.85
N ASP A 125 -5.25 36.67 -1.83
CA ASP A 125 -6.38 36.46 -0.96
C ASP A 125 -6.00 35.65 0.21
N GLN A 126 -7.03 35.32 0.97
CA GLN A 126 -6.89 34.54 2.17
C GLN A 126 -6.33 33.16 1.81
N ARG A 127 -5.69 32.51 2.77
CA ARG A 127 -5.10 31.19 2.57
C ARG A 127 -6.20 30.12 2.63
N ILE A 128 -6.30 29.32 1.57
CA ILE A 128 -7.30 28.26 1.50
C ILE A 128 -6.61 26.97 1.92
N GLU A 129 -6.80 26.62 3.19
CA GLU A 129 -6.18 25.44 3.78
C GLU A 129 -6.95 24.09 3.62
N VAL A 130 -6.30 23.03 4.09
CA VAL A 130 -6.82 21.67 4.08
C VAL A 130 -6.04 20.91 5.16
N ALA A 131 -6.66 20.68 6.31
CA ALA A 131 -5.98 20.01 7.40
C ALA A 131 -6.57 18.66 7.73
N LEU A 132 -5.83 17.90 8.53
CA LEU A 132 -6.24 16.56 8.94
C LEU A 132 -6.25 16.51 10.46
N SER A 133 -7.42 16.26 11.05
CA SER A 133 -7.55 16.20 12.49
C SER A 133 -6.84 14.98 13.10
N SER A 134 -6.32 15.08 14.31
CA SER A 134 -5.65 13.93 14.91
C SER A 134 -6.47 13.35 16.05
N VAL A 135 -7.78 13.42 15.87
CA VAL A 135 -8.73 12.93 16.86
C VAL A 135 -8.54 11.50 17.32
N LEU A 136 -9.00 10.58 16.50
CA LEU A 136 -8.97 9.16 16.78
C LEU A 136 -7.69 8.59 16.27
N PHE A 137 -7.18 9.25 15.23
CA PHE A 137 -5.94 8.83 14.62
C PHE A 137 -5.22 7.74 15.41
N GLN A 138 -4.79 8.07 16.63
CA GLN A 138 -4.04 7.13 17.47
C GLN A 138 -4.55 5.70 17.53
N ASN A 139 -5.84 5.51 17.84
CA ASN A 139 -6.38 4.15 17.90
C ASN A 139 -6.02 3.40 16.65
N LYS A 140 -6.48 3.94 15.51
CA LYS A 140 -6.25 3.39 14.18
C LYS A 140 -4.78 3.29 13.78
N TYR A 141 -3.98 4.27 14.17
CA TYR A 141 -2.57 4.25 13.82
C TYR A 141 -1.92 2.99 14.34
N ASN A 142 -2.33 2.62 15.55
CA ASN A 142 -1.82 1.41 16.20
C ASN A 142 -2.22 0.19 15.37
N ALA A 143 -3.34 0.33 14.67
CA ALA A 143 -3.84 -0.72 13.81
C ALA A 143 -3.03 -0.66 12.52
N PHE A 144 -2.76 0.57 12.07
CA PHE A 144 -1.99 0.80 10.86
C PHE A 144 -0.61 0.19 11.00
N SER A 145 0.02 0.42 12.15
CA SER A 145 1.37 -0.09 12.36
C SER A 145 1.48 -1.59 12.38
N ASP A 146 0.52 -2.21 13.07
CA ASP A 146 0.45 -3.66 13.21
C ASP A 146 0.36 -4.23 11.81
N CYS A 147 -0.53 -3.62 11.04
CA CYS A 147 -0.74 -4.04 9.69
C CYS A 147 0.55 -4.01 8.88
N ILE A 148 1.36 -2.98 9.11
CA ILE A 148 2.61 -2.85 8.40
C ILE A 148 3.60 -3.91 8.81
N SER A 149 3.65 -4.20 10.11
CA SER A 149 4.59 -5.19 10.63
C SER A 149 4.37 -6.57 10.04
N ASN A 150 3.11 -6.88 9.75
CA ASN A 150 2.74 -8.18 9.19
C ASN A 150 2.70 -8.13 7.67
N LEU A 151 3.30 -7.09 7.11
CA LEU A 151 3.33 -6.91 5.67
C LEU A 151 4.41 -7.81 5.07
N LEU A 152 4.02 -8.64 4.10
CA LEU A 152 4.98 -9.54 3.43
C LEU A 152 6.20 -8.74 3.02
N LYS A 153 7.37 -9.28 3.30
CA LYS A 153 8.62 -8.60 2.99
C LYS A 153 9.10 -8.78 1.54
N TYR A 154 8.17 -8.92 0.61
CA TYR A 154 8.52 -9.04 -0.79
C TYR A 154 7.34 -8.65 -1.68
N SER A 155 7.64 -8.30 -2.92
CA SER A 155 6.62 -7.88 -3.90
C SER A 155 6.62 -8.91 -5.00
N PHE A 156 6.40 -8.46 -6.24
CA PHE A 156 6.42 -9.36 -7.39
C PHE A 156 7.87 -9.78 -7.64
N GLU A 157 8.53 -10.10 -6.52
CA GLU A 157 9.91 -10.54 -6.44
C GLU A 157 9.86 -12.05 -6.57
N ASP A 158 8.75 -12.52 -7.13
CA ASP A 158 8.53 -13.93 -7.32
C ASP A 158 7.61 -14.10 -8.52
N ILE A 159 7.86 -13.28 -9.53
CA ILE A 159 7.07 -13.29 -10.76
C ILE A 159 7.39 -14.51 -11.61
N ALA A 160 8.63 -14.98 -11.54
CA ALA A 160 9.06 -16.15 -12.29
C ALA A 160 10.08 -16.95 -11.49
N PHE A 161 9.69 -18.16 -11.07
CA PHE A 161 10.58 -19.04 -10.30
C PHE A 161 10.82 -20.37 -11.00
N THR A 162 12.04 -20.89 -10.90
CA THR A 162 12.38 -22.18 -11.49
C THR A 162 12.59 -23.17 -10.36
N ILE A 163 11.66 -24.11 -10.18
CA ILE A 163 11.83 -25.07 -9.10
C ILE A 163 12.91 -26.07 -9.49
N LEU A 164 13.76 -26.40 -8.52
CA LEU A 164 14.87 -27.32 -8.72
C LEU A 164 14.65 -28.58 -7.89
N HIS A 165 14.13 -29.64 -8.50
CA HIS A 165 13.88 -30.90 -7.78
C HIS A 165 15.23 -31.61 -7.56
N TYR A 166 15.34 -32.44 -6.53
CA TYR A 166 16.62 -33.08 -6.29
C TYR A 166 16.82 -34.56 -6.62
N GLU A 167 18.07 -34.87 -6.86
CA GLU A 167 18.57 -36.18 -7.26
C GLU A 167 18.32 -36.27 -8.75
N ARG A 168 17.81 -35.17 -9.30
CA ARG A 168 17.50 -35.05 -10.72
C ARG A 168 16.42 -36.03 -11.10
N GLN A 169 16.38 -37.16 -10.37
CA GLN A 169 15.38 -38.21 -10.62
C GLN A 169 14.10 -37.52 -10.99
N GLY A 170 13.94 -36.33 -10.44
CA GLY A 170 12.77 -35.55 -10.76
C GLY A 170 11.72 -35.21 -9.74
N ASP A 171 10.92 -36.20 -9.36
CA ASP A 171 9.81 -35.92 -8.47
C ASP A 171 10.03 -35.21 -7.12
N GLN A 172 11.13 -35.44 -6.41
CA GLN A 172 11.29 -34.76 -5.12
C GLN A 172 11.75 -33.30 -5.15
N LEU A 173 10.96 -32.42 -4.53
CA LEU A 173 11.27 -30.99 -4.49
C LEU A 173 12.34 -30.67 -3.45
N THR A 174 13.18 -29.68 -3.76
CA THR A 174 14.27 -29.25 -2.85
C THR A 174 13.74 -28.58 -1.58
N LYS A 175 14.63 -28.32 -0.63
CA LYS A 175 14.27 -27.67 0.63
C LYS A 175 13.78 -26.27 0.29
N ALA A 176 14.56 -25.60 -0.57
CA ALA A 176 14.23 -24.26 -1.02
C ALA A 176 13.01 -24.27 -1.92
N SER A 177 13.04 -25.04 -2.99
CA SER A 177 11.90 -25.07 -3.89
C SER A 177 10.60 -25.16 -3.11
N LYS A 178 10.64 -25.79 -1.95
CA LYS A 178 9.44 -25.87 -1.13
C LYS A 178 9.21 -24.55 -0.39
N LYS A 179 10.30 -23.91 -0.01
CA LYS A 179 10.23 -22.62 0.69
C LYS A 179 9.76 -21.55 -0.29
N ARG A 180 10.08 -21.73 -1.57
CA ARG A 180 9.67 -20.76 -2.58
C ARG A 180 8.21 -20.93 -2.90
N LEU A 181 7.68 -22.13 -2.70
CA LEU A 181 6.27 -22.34 -2.99
C LEU A 181 5.40 -21.65 -1.97
N SER A 182 5.42 -22.12 -0.73
CA SER A 182 4.61 -21.49 0.31
C SER A 182 4.71 -19.98 0.10
N GLN A 183 5.95 -19.53 -0.04
CA GLN A 183 6.25 -18.13 -0.26
C GLN A 183 5.35 -17.54 -1.33
N ILE A 184 5.28 -18.23 -2.46
CA ILE A 184 4.46 -17.83 -3.58
C ILE A 184 2.97 -18.03 -3.27
N ALA A 185 2.67 -18.87 -2.30
CA ALA A 185 1.28 -19.15 -1.96
C ALA A 185 0.77 -18.14 -0.95
N ASP A 186 1.68 -17.70 -0.08
CA ASP A 186 1.36 -16.74 0.96
C ASP A 186 0.97 -15.39 0.38
N TYR A 187 1.34 -15.19 -0.87
CA TYR A 187 1.03 -13.97 -1.60
C TYR A 187 -0.32 -14.26 -2.24
N ILE A 188 -0.22 -14.93 -3.38
CA ILE A 188 -1.32 -15.38 -4.19
C ILE A 188 -2.67 -15.37 -3.50
N ARG A 189 -2.74 -16.09 -2.38
CA ARG A 189 -3.98 -16.20 -1.65
C ARG A 189 -4.66 -14.87 -1.28
N HIS A 190 -3.91 -13.91 -0.75
CA HIS A 190 -4.48 -12.62 -0.37
C HIS A 190 -4.83 -11.72 -1.56
N ASN A 191 -4.40 -12.13 -2.74
CA ASN A 191 -4.67 -11.39 -3.96
C ASN A 191 -5.28 -12.37 -4.95
N GLN A 192 -6.60 -12.42 -5.03
CA GLN A 192 -7.26 -13.34 -5.93
C GLN A 192 -7.56 -12.75 -7.29
N ASP A 193 -6.69 -11.86 -7.75
CA ASP A 193 -6.80 -11.18 -9.04
C ASP A 193 -5.49 -11.46 -9.73
N ILE A 194 -5.02 -12.67 -9.54
CA ILE A 194 -3.72 -13.08 -10.04
C ILE A 194 -3.78 -14.59 -10.05
N ASP A 195 -3.18 -15.22 -11.07
CA ASP A 195 -3.26 -16.67 -11.23
C ASP A 195 -1.94 -17.36 -11.59
N LEU A 196 -1.90 -18.68 -11.37
CA LEU A 196 -0.73 -19.51 -11.63
C LEU A 196 -0.64 -20.13 -13.01
N VAL A 197 0.59 -20.21 -13.51
CA VAL A 197 0.89 -20.77 -14.82
C VAL A 197 2.12 -21.67 -14.75
N LEU A 198 1.87 -22.98 -14.76
CA LEU A 198 2.94 -23.98 -14.71
C LEU A 198 3.59 -24.14 -16.07
N VAL A 199 4.89 -23.85 -16.13
CA VAL A 199 5.62 -23.92 -17.38
C VAL A 199 6.68 -25.00 -17.46
N ALA A 200 6.59 -25.79 -18.52
CA ALA A 200 7.55 -26.82 -18.80
C ALA A 200 8.00 -26.44 -20.19
N THR A 201 9.20 -25.89 -20.30
CA THR A 201 9.73 -25.51 -21.60
C THR A 201 10.44 -26.79 -22.04
N TYR A 202 9.99 -27.34 -23.16
CA TYR A 202 10.52 -28.59 -23.64
C TYR A 202 9.53 -28.98 -24.74
N SER A 210 17.39 -32.38 -19.83
CA SER A 210 16.61 -33.58 -20.22
C SER A 210 15.83 -34.13 -19.03
N ALA A 211 14.50 -34.17 -19.17
CA ALA A 211 13.63 -34.66 -18.11
C ALA A 211 12.84 -35.88 -18.60
N SER A 212 11.54 -35.68 -18.82
CA SER A 212 10.63 -36.72 -19.30
C SER A 212 9.22 -36.19 -19.29
N GLN A 213 8.38 -36.81 -20.10
CA GLN A 213 6.97 -36.44 -20.17
C GLN A 213 6.33 -37.05 -18.93
N SER A 214 6.74 -38.29 -18.64
CA SER A 214 6.23 -39.03 -17.48
C SER A 214 6.52 -38.27 -16.19
N LEU A 215 7.75 -37.80 -16.06
CA LEU A 215 8.16 -37.03 -14.90
C LEU A 215 7.35 -35.74 -14.84
N SER A 216 7.48 -34.93 -15.87
CA SER A 216 6.77 -33.66 -15.95
C SER A 216 5.35 -33.75 -15.43
N GLU A 217 4.55 -34.61 -16.03
CA GLU A 217 3.15 -34.78 -15.67
C GLU A 217 2.95 -35.05 -14.17
N ARG A 218 3.60 -36.08 -13.64
CA ARG A 218 3.44 -36.36 -12.22
C ARG A 218 4.16 -35.27 -11.43
N ARG A 219 5.00 -34.51 -12.12
CA ARG A 219 5.75 -33.44 -11.47
C ARG A 219 4.94 -32.15 -11.49
N ALA A 220 3.90 -32.12 -12.32
CA ALA A 220 3.04 -30.95 -12.44
C ALA A 220 1.90 -31.15 -11.46
N GLU A 221 1.38 -32.37 -11.44
CA GLU A 221 0.30 -32.73 -10.54
C GLU A 221 0.68 -32.31 -9.14
N SER A 222 1.91 -32.63 -8.79
CA SER A 222 2.49 -32.34 -7.49
C SER A 222 2.19 -30.94 -6.96
N LEU A 223 2.34 -29.92 -7.80
CA LEU A 223 2.08 -28.56 -7.36
C LEU A 223 0.60 -28.33 -7.42
N ARG A 224 -0.01 -28.86 -8.47
CA ARG A 224 -1.43 -28.72 -8.64
C ARG A 224 -2.10 -29.15 -7.33
N ASP A 225 -1.46 -30.06 -6.60
CA ASP A 225 -1.99 -30.50 -5.32
C ASP A 225 -1.42 -29.57 -4.26
N TYR A 226 -0.10 -29.45 -4.27
CA TYR A 226 0.61 -28.60 -3.34
C TYR A 226 -0.14 -27.30 -3.15
N PHE A 227 -0.76 -26.81 -4.20
CA PHE A 227 -1.52 -25.57 -4.11
C PHE A 227 -2.99 -25.84 -3.84
N GLN A 228 -3.51 -26.94 -4.37
CA GLN A 228 -4.90 -27.29 -4.14
C GLN A 228 -5.06 -27.59 -2.66
N SER A 229 -3.93 -27.80 -1.99
CA SER A 229 -3.95 -28.08 -0.58
C SER A 229 -4.03 -26.76 0.15
N LEU A 230 -3.07 -25.90 -0.16
CA LEU A 230 -2.93 -24.60 0.48
C LEU A 230 -4.15 -23.71 0.56
N GLY A 231 -4.83 -23.51 -0.56
CA GLY A 231 -5.99 -22.65 -0.49
C GLY A 231 -6.81 -22.50 -1.74
N LEU A 232 -6.19 -22.02 -2.82
CA LEU A 232 -6.92 -21.80 -4.06
C LEU A 232 -7.10 -23.04 -4.92
N PRO A 233 -8.18 -23.07 -5.70
CA PRO A 233 -8.51 -24.18 -6.59
C PRO A 233 -8.13 -24.21 -8.08
N GLU A 234 -8.63 -25.29 -8.69
CA GLU A 234 -8.52 -25.71 -10.09
C GLU A 234 -8.46 -24.72 -11.27
N ASP A 235 -8.59 -23.43 -11.04
CA ASP A 235 -8.65 -22.47 -12.14
C ASP A 235 -7.55 -21.45 -12.23
N ARG A 236 -6.92 -21.14 -11.11
CA ARG A 236 -5.85 -20.16 -11.12
C ARG A 236 -4.68 -20.94 -11.67
N ILE A 237 -4.84 -22.24 -11.80
CA ILE A 237 -3.75 -22.95 -12.38
C ILE A 237 -4.06 -23.33 -13.82
N GLN A 238 -3.09 -22.91 -14.62
CA GLN A 238 -2.99 -23.04 -16.07
C GLN A 238 -1.62 -23.68 -16.35
N VAL A 239 -1.59 -24.74 -17.12
CA VAL A 239 -0.34 -25.41 -17.42
C VAL A 239 0.06 -25.33 -18.90
N GLN A 240 0.56 -24.17 -19.30
CA GLN A 240 0.95 -23.92 -20.70
C GLN A 240 2.10 -24.75 -21.27
N GLY A 241 1.81 -25.40 -22.39
CA GLY A 241 2.83 -26.21 -23.04
C GLY A 241 3.43 -25.48 -24.22
N TYR A 242 4.76 -25.46 -24.27
CA TYR A 242 5.49 -24.83 -25.35
C TYR A 242 6.99 -24.95 -25.11
N GLY A 243 7.75 -24.80 -26.19
CA GLY A 243 9.19 -24.89 -26.09
C GLY A 243 9.83 -24.22 -27.28
N ARG A 262 13.21 -28.48 -16.68
CA ARG A 262 12.65 -27.65 -15.58
C ARG A 262 11.14 -27.48 -15.66
N VAL A 263 10.48 -27.52 -14.50
CA VAL A 263 9.04 -27.26 -14.43
C VAL A 263 9.19 -25.89 -13.80
N VAL A 264 9.07 -24.86 -14.62
CA VAL A 264 9.27 -23.51 -14.12
C VAL A 264 7.98 -22.75 -13.86
N ILE A 265 7.76 -22.32 -12.61
CA ILE A 265 6.58 -21.54 -12.33
C ILE A 265 6.89 -20.13 -12.83
N SER A 266 5.92 -19.52 -13.48
CA SER A 266 6.13 -18.20 -14.05
C SER A 266 4.82 -17.47 -13.96
N LEU A 267 4.66 -16.55 -13.04
CA LEU A 267 3.40 -15.90 -13.00
C LEU A 267 3.46 -14.56 -13.64
N GLY A 268 2.43 -14.33 -14.45
CA GLY A 268 2.29 -13.05 -15.04
C GLY A 268 1.21 -12.40 -14.18
N ARG A 269 1.26 -11.08 -14.09
CA ARG A 269 0.29 -10.34 -13.31
C ARG A 269 -0.94 -11.17 -13.09
N THR A 270 -1.71 -11.25 -14.18
CA THR A 270 -2.96 -11.97 -14.17
C THR A 270 -3.59 -11.56 -15.37
N GLN A 271 -4.16 -10.37 -15.12
CA GLN A 271 -4.94 -9.66 -16.05
C GLN A 271 -4.05 -8.65 -16.70
#